data_9BQ8
#
_entry.id   9BQ8
#
_cell.length_a   83.766
_cell.length_b   83.766
_cell.length_c   127.108
_cell.angle_alpha   90.00
_cell.angle_beta   90.00
_cell.angle_gamma   90.00
#
_symmetry.space_group_name_H-M   'P 41 21 2'
#
loop_
_entity.id
_entity.type
_entity.pdbx_description
1 polymer 'DNA topoisomerase 2-beta'
2 non-polymer 'PHOSPHOAMINOPHOSPHONIC ACID-ADENYLATE ESTER'
3 non-polymer 'MAGNESIUM ION'
4 water water
#
_entity_poly.entity_id   1
_entity_poly.type   'polypeptide(L)'
_entity_poly.pdbx_seq_one_letter_code
;SNASVERVYQKKTQLEHILLRPDTYIGSVEPLTQFMWVYDEDVGMNCREVTFVPGLYKIFDEILVNAADNKQRDKNMTCI
KVSIDPESNIISIWNNGKGIPVVEHKVEKVYVPALIFGQLLTSSNYDDDEKKVTGGRNGYGAKLCNIFSTKFTVETACKE
YKHSFKQTWMNNMMKTSEAKIKHFDGEDYTCITFQPDLSKFKMEKLDKDIVALMTRRAYDLAGSCRGVKVMFNGKKLPVN
GFRSYVDLYVKDKLDETGVALKVIHELANERWDVCLTLSEKGFQQISFVNSIATTKGGRHVDYVVDQVVGKLIEVVKKKN
KAGVSVKPFQVKNHIWVFINCLIENPTFDSQTKENMTLQPKSFGSKCQLSEKFFKAASNCGIVESILNWVKFKAQTQ
;
_entity_poly.pdbx_strand_id   A
#
# COMPACT_ATOMS: atom_id res chain seq x y z
N ALA A 3 -27.13 -36.00 7.92
CA ALA A 3 -25.77 -35.78 7.46
C ALA A 3 -24.78 -36.57 8.31
N SER A 4 -23.90 -37.29 7.63
CA SER A 4 -22.95 -38.16 8.29
C SER A 4 -21.87 -37.35 8.99
N VAL A 5 -21.16 -38.03 9.90
CA VAL A 5 -20.03 -37.43 10.58
C VAL A 5 -19.01 -36.89 9.59
N GLU A 6 -18.78 -37.62 8.50
CA GLU A 6 -17.77 -37.22 7.52
C GLU A 6 -18.22 -36.04 6.67
N ARG A 7 -19.53 -35.88 6.49
CA ARG A 7 -20.02 -34.69 5.79
C ARG A 7 -20.01 -33.47 6.72
N VAL A 8 -20.30 -33.66 7.99
CA VAL A 8 -20.39 -32.54 8.92
C VAL A 8 -19.01 -32.00 9.26
N TYR A 9 -18.09 -32.87 9.66
CA TYR A 9 -16.79 -32.49 10.17
C TYR A 9 -15.76 -32.66 9.06
N GLN A 10 -15.26 -31.54 8.53
CA GLN A 10 -14.42 -31.55 7.35
C GLN A 10 -13.07 -30.91 7.63
N LYS A 11 -12.06 -31.42 6.94
CA LYS A 11 -10.73 -30.85 6.94
C LYS A 11 -10.45 -30.30 5.54
N LYS A 12 -9.81 -29.14 5.48
CA LYS A 12 -9.45 -28.52 4.21
C LYS A 12 -7.93 -28.41 4.11
N THR A 13 -7.42 -28.50 2.88
CA THR A 13 -6.04 -28.13 2.63
C THR A 13 -5.89 -26.61 2.63
N GLN A 14 -4.65 -26.15 2.74
CA GLN A 14 -4.41 -24.71 2.72
C GLN A 14 -4.93 -24.08 1.45
N LEU A 15 -4.69 -24.72 0.30
CA LEU A 15 -5.14 -24.16 -0.98
C LEU A 15 -6.66 -24.16 -1.07
N GLU A 16 -7.32 -25.22 -0.60
CA GLU A 16 -8.77 -25.23 -0.58
C GLU A 16 -9.32 -24.11 0.29
N HIS A 17 -8.67 -23.88 1.43
CA HIS A 17 -9.16 -22.91 2.41
C HIS A 17 -9.12 -21.50 1.85
N ILE A 18 -8.10 -21.19 1.03
CA ILE A 18 -8.01 -19.86 0.43
C ILE A 18 -9.20 -19.60 -0.49
N LEU A 19 -9.58 -20.59 -1.30
CA LEU A 19 -10.71 -20.38 -2.21
C LEU A 19 -12.03 -20.39 -1.48
N LEU A 20 -12.14 -21.17 -0.41
CA LEU A 20 -13.38 -21.27 0.35
C LEU A 20 -13.60 -20.06 1.25
N ARG A 21 -12.51 -19.53 1.79
CA ARG A 21 -12.55 -18.44 2.77
C ARG A 21 -11.59 -17.35 2.33
N PRO A 22 -11.86 -16.71 1.19
CA PRO A 22 -10.91 -15.73 0.66
C PRO A 22 -10.75 -14.50 1.54
N ASP A 23 -11.71 -14.23 2.42
CA ASP A 23 -11.80 -12.92 3.04
C ASP A 23 -10.61 -12.61 3.94
N THR A 24 -10.12 -13.57 4.72
CA THR A 24 -8.97 -13.23 5.57
C THR A 24 -7.66 -13.23 4.80
N TYR A 25 -7.67 -13.60 3.54
CA TYR A 25 -6.47 -13.57 2.73
C TYR A 25 -6.38 -12.32 1.88
N ILE A 26 -7.47 -11.95 1.19
CA ILE A 26 -7.46 -10.83 0.26
C ILE A 26 -8.55 -9.81 0.52
N GLY A 27 -9.39 -10.01 1.53
CA GLY A 27 -10.55 -9.16 1.73
C GLY A 27 -11.75 -9.65 0.93
N SER A 28 -12.79 -8.84 0.97
CA SER A 28 -14.08 -9.26 0.43
C SER A 28 -14.00 -9.51 -1.07
N VAL A 29 -14.65 -10.59 -1.51
CA VAL A 29 -14.77 -10.90 -2.93
C VAL A 29 -16.12 -10.49 -3.50
N GLU A 30 -16.90 -9.72 -2.74
CA GLU A 30 -18.16 -9.17 -3.20
C GLU A 30 -18.01 -7.66 -3.39
N PRO A 31 -18.89 -7.05 -4.18
CA PRO A 31 -18.76 -5.61 -4.43
C PRO A 31 -18.95 -4.79 -3.16
N LEU A 32 -18.28 -3.65 -3.13
CA LEU A 32 -18.37 -2.66 -2.07
C LEU A 32 -18.53 -1.29 -2.74
N THR A 33 -19.46 -0.48 -2.24
CA THR A 33 -19.66 0.88 -2.72
C THR A 33 -19.38 1.85 -1.58
N GLN A 34 -18.47 2.78 -1.82
CA GLN A 34 -18.14 3.76 -0.78
C GLN A 34 -17.43 4.96 -1.40
N PHE A 35 -17.46 6.07 -0.67
N PHE A 35 -17.42 6.04 -0.63
CA PHE A 35 -16.76 7.27 -1.08
CA PHE A 35 -16.76 7.29 -1.01
C PHE A 35 -15.28 7.11 -0.75
C PHE A 35 -15.27 7.18 -0.71
N MET A 36 -14.43 7.42 -1.71
CA MET A 36 -13.00 7.25 -1.49
CA MET A 36 -13.00 7.28 -1.47
C MET A 36 -12.22 7.95 -2.58
N TRP A 37 -10.92 8.05 -2.36
CA TRP A 37 -10.01 8.72 -3.28
C TRP A 37 -9.56 7.78 -4.36
N VAL A 38 -9.71 8.22 -5.61
CA VAL A 38 -9.25 7.50 -6.79
C VAL A 38 -8.60 8.50 -7.73
N TYR A 39 -7.94 7.98 -8.76
CA TYR A 39 -7.31 8.80 -9.78
C TYR A 39 -7.97 8.48 -11.12
N ASP A 40 -8.81 9.40 -11.59
CA ASP A 40 -9.62 9.20 -12.78
C ASP A 40 -8.95 9.83 -14.00
N GLU A 41 -9.30 9.28 -15.18
CA GLU A 41 -8.78 9.81 -16.43
C GLU A 41 -9.27 11.22 -16.71
N ASP A 42 -10.43 11.61 -16.19
CA ASP A 42 -11.01 12.92 -16.51
C ASP A 42 -10.64 14.01 -15.50
N VAL A 43 -10.54 13.68 -14.22
CA VAL A 43 -10.34 14.69 -13.19
C VAL A 43 -9.10 14.45 -12.33
N GLY A 44 -8.37 13.37 -12.57
CA GLY A 44 -7.24 13.08 -11.71
C GLY A 44 -7.71 12.70 -10.33
N MET A 45 -6.97 13.15 -9.32
CA MET A 45 -7.27 12.78 -7.94
C MET A 45 -8.58 13.41 -7.51
N ASN A 46 -9.49 12.59 -7.01
CA ASN A 46 -10.78 13.07 -6.56
C ASN A 46 -11.39 12.05 -5.63
N CYS A 47 -12.30 12.53 -4.80
CA CYS A 47 -13.04 11.70 -3.86
C CYS A 47 -14.47 11.55 -4.39
N ARG A 48 -14.89 10.32 -4.63
CA ARG A 48 -16.21 10.07 -5.17
C ARG A 48 -16.67 8.68 -4.75
N GLU A 49 -17.95 8.40 -4.99
CA GLU A 49 -18.46 7.05 -4.76
C GLU A 49 -17.86 6.10 -5.79
N VAL A 50 -17.34 4.98 -5.31
CA VAL A 50 -16.67 3.96 -6.11
CA VAL A 50 -16.77 3.98 -6.19
C VAL A 50 -17.31 2.62 -5.79
N THR A 51 -17.52 1.77 -6.79
CA THR A 51 -17.95 0.40 -6.58
C THR A 51 -16.86 -0.53 -7.09
N PHE A 52 -16.36 -1.40 -6.21
CA PHE A 52 -15.23 -2.27 -6.56
C PHE A 52 -15.23 -3.48 -5.64
N VAL A 53 -14.42 -4.46 -6.00
CA VAL A 53 -14.27 -5.69 -5.22
C VAL A 53 -12.93 -5.62 -4.49
N PRO A 54 -12.93 -5.54 -3.15
CA PRO A 54 -11.66 -5.40 -2.43
C PRO A 54 -10.62 -6.45 -2.76
N GLY A 55 -10.99 -7.72 -2.93
CA GLY A 55 -9.99 -8.75 -3.18
C GLY A 55 -9.23 -8.54 -4.48
N LEU A 56 -9.89 -7.97 -5.49
CA LEU A 56 -9.22 -7.70 -6.75
C LEU A 56 -8.20 -6.57 -6.58
N TYR A 57 -8.62 -5.50 -5.93
CA TYR A 57 -7.70 -4.42 -5.60
CA TYR A 57 -7.70 -4.42 -5.60
C TYR A 57 -6.50 -4.96 -4.83
N LYS A 58 -6.75 -5.88 -3.89
CA LYS A 58 -5.68 -6.38 -3.02
C LYS A 58 -4.66 -7.23 -3.78
N ILE A 59 -5.10 -8.09 -4.70
CA ILE A 59 -4.10 -8.92 -5.38
C ILE A 59 -3.15 -8.04 -6.20
N PHE A 60 -3.67 -6.95 -6.79
CA PHE A 60 -2.81 -5.96 -7.42
C PHE A 60 -1.86 -5.33 -6.40
N ASP A 61 -2.40 -4.91 -5.26
CA ASP A 61 -1.59 -4.30 -4.22
C ASP A 61 -0.45 -5.21 -3.78
N GLU A 62 -0.71 -6.51 -3.65
CA GLU A 62 0.34 -7.41 -3.20
C GLU A 62 1.55 -7.35 -4.14
N ILE A 63 1.29 -7.35 -5.44
CA ILE A 63 2.41 -7.33 -6.38
C ILE A 63 3.09 -5.96 -6.37
N LEU A 64 2.32 -4.89 -6.24
CA LEU A 64 2.89 -3.55 -6.21
C LEU A 64 3.81 -3.36 -5.01
N VAL A 65 3.35 -3.76 -3.82
CA VAL A 65 4.19 -3.61 -2.63
C VAL A 65 5.43 -4.50 -2.74
N ASN A 66 5.30 -5.68 -3.34
CA ASN A 66 6.49 -6.52 -3.56
C ASN A 66 7.54 -5.77 -4.39
N ALA A 67 7.10 -5.02 -5.40
CA ALA A 67 8.04 -4.24 -6.19
C ALA A 67 8.70 -3.16 -5.35
N ALA A 68 7.92 -2.44 -4.56
CA ALA A 68 8.48 -1.43 -3.66
C ALA A 68 9.48 -2.05 -2.70
N ASP A 69 9.18 -3.27 -2.23
CA ASP A 69 10.05 -3.94 -1.28
C ASP A 69 11.43 -4.21 -1.87
N ASN A 70 11.54 -4.31 -3.21
CA ASN A 70 12.85 -4.57 -3.79
C ASN A 70 13.81 -3.42 -3.58
N LYS A 71 13.30 -2.22 -3.29
CA LYS A 71 14.19 -1.09 -3.00
C LYS A 71 14.96 -1.34 -1.71
N GLN A 72 14.43 -2.19 -0.82
CA GLN A 72 15.16 -2.58 0.37
C GLN A 72 16.22 -3.63 0.06
N ARG A 73 15.93 -4.54 -0.87
CA ARG A 73 16.92 -5.54 -1.27
C ARG A 73 18.05 -4.91 -2.07
N ASP A 74 17.76 -3.84 -2.81
CA ASP A 74 18.75 -3.20 -3.67
C ASP A 74 18.44 -1.71 -3.68
N LYS A 75 19.19 -0.95 -2.90
CA LYS A 75 18.95 0.48 -2.80
C LYS A 75 19.24 1.21 -4.10
N ASN A 76 19.92 0.56 -5.06
CA ASN A 76 20.15 1.17 -6.36
C ASN A 76 18.93 1.10 -7.28
N MET A 77 17.87 0.40 -6.90
CA MET A 77 16.67 0.38 -7.72
C MET A 77 16.16 1.79 -7.95
N THR A 78 15.67 2.05 -9.17
CA THR A 78 15.21 3.40 -9.52
C THR A 78 13.80 3.47 -10.07
N CYS A 79 13.16 2.37 -10.46
CA CYS A 79 11.96 2.49 -11.28
C CYS A 79 11.03 1.31 -11.12
N ILE A 80 9.73 1.62 -11.04
CA ILE A 80 8.65 0.65 -11.14
C ILE A 80 7.74 1.10 -12.27
N LYS A 81 7.36 0.16 -13.15
CA LYS A 81 6.47 0.43 -14.27
C LYS A 81 5.22 -0.41 -14.12
N VAL A 82 4.06 0.25 -14.14
CA VAL A 82 2.76 -0.40 -14.01
C VAL A 82 2.03 -0.25 -15.33
N SER A 83 1.42 -1.34 -15.80
CA SER A 83 0.59 -1.30 -17.00
CA SER A 83 0.60 -1.31 -17.01
CA SER A 83 0.60 -1.31 -17.01
C SER A 83 -0.72 -2.03 -16.73
N ILE A 84 -1.82 -1.43 -17.17
CA ILE A 84 -3.14 -2.02 -17.03
C ILE A 84 -3.85 -1.89 -18.38
N ASP A 85 -4.25 -3.02 -18.96
CA ASP A 85 -4.98 -3.05 -20.22
C ASP A 85 -6.32 -3.73 -19.98
N PRO A 86 -7.40 -2.99 -19.78
CA PRO A 86 -8.69 -3.64 -19.52
C PRO A 86 -9.18 -4.51 -20.65
N GLU A 87 -8.87 -4.15 -21.90
CA GLU A 87 -9.41 -4.90 -23.03
C GLU A 87 -8.83 -6.30 -23.08
N SER A 88 -7.53 -6.44 -22.83
CA SER A 88 -6.89 -7.75 -22.79
C SER A 88 -6.92 -8.38 -21.41
N ASN A 89 -7.30 -7.61 -20.38
CA ASN A 89 -7.30 -8.07 -19.00
C ASN A 89 -5.91 -8.40 -18.48
N ILE A 90 -4.90 -7.67 -18.95
CA ILE A 90 -3.51 -7.91 -18.56
C ILE A 90 -3.01 -6.76 -17.71
N ILE A 91 -2.48 -7.10 -16.53
CA ILE A 91 -1.78 -6.16 -15.66
C ILE A 91 -0.33 -6.61 -15.57
N SER A 92 0.60 -5.66 -15.65
CA SER A 92 1.99 -5.99 -15.42
C SER A 92 2.63 -4.97 -14.49
N ILE A 93 3.51 -5.46 -13.63
CA ILE A 93 4.28 -4.64 -12.71
C ILE A 93 5.74 -5.05 -12.84
N TRP A 94 6.57 -4.10 -13.27
CA TRP A 94 7.98 -4.32 -13.55
C TRP A 94 8.80 -3.45 -12.60
N ASN A 95 9.94 -3.97 -12.18
CA ASN A 95 10.87 -3.18 -11.38
C ASN A 95 12.29 -3.51 -11.78
N ASN A 96 13.19 -2.55 -11.56
CA ASN A 96 14.61 -2.79 -11.75
C ASN A 96 15.27 -2.97 -10.37
N GLY A 97 16.58 -2.84 -10.31
CA GLY A 97 17.32 -3.36 -9.18
C GLY A 97 17.41 -4.87 -9.26
N LYS A 98 18.07 -5.45 -8.25
CA LYS A 98 18.42 -6.86 -8.30
C LYS A 98 17.20 -7.73 -8.57
N GLY A 99 17.39 -8.71 -9.46
CA GLY A 99 16.41 -9.74 -9.69
C GLY A 99 16.47 -10.80 -8.63
N ILE A 100 15.76 -11.89 -8.87
CA ILE A 100 15.69 -13.00 -7.93
C ILE A 100 16.67 -14.08 -8.39
N PRO A 101 17.48 -14.65 -7.50
CA PRO A 101 18.44 -15.68 -7.93
C PRO A 101 17.79 -16.78 -8.75
N VAL A 102 18.31 -17.01 -9.94
CA VAL A 102 17.81 -18.06 -10.84
C VAL A 102 18.71 -19.26 -10.63
N VAL A 103 18.36 -20.06 -9.63
CA VAL A 103 19.18 -21.17 -9.18
C VAL A 103 18.26 -22.12 -8.43
N GLU A 104 18.64 -23.39 -8.37
CA GLU A 104 17.87 -24.35 -7.61
C GLU A 104 18.10 -24.14 -6.11
N HIS A 105 17.00 -24.06 -5.38
CA HIS A 105 17.03 -24.06 -3.92
C HIS A 105 17.41 -25.45 -3.45
N LYS A 106 18.47 -25.54 -2.65
CA LYS A 106 19.04 -26.86 -2.34
C LYS A 106 18.19 -27.66 -1.34
N VAL A 107 17.32 -27.01 -0.59
CA VAL A 107 16.41 -27.73 0.32
C VAL A 107 15.11 -28.08 -0.38
N GLU A 108 14.49 -27.11 -1.05
CA GLU A 108 13.19 -27.32 -1.67
C GLU A 108 13.29 -27.94 -3.05
N LYS A 109 14.49 -27.97 -3.65
CA LYS A 109 14.73 -28.71 -4.89
C LYS A 109 13.90 -28.17 -6.05
N VAL A 110 13.70 -26.85 -6.08
CA VAL A 110 13.02 -26.15 -7.17
C VAL A 110 13.76 -24.85 -7.38
N TYR A 111 13.53 -24.23 -8.54
CA TYR A 111 14.09 -22.90 -8.76
C TYR A 111 13.50 -21.91 -7.76
N VAL A 112 14.37 -21.02 -7.25
CA VAL A 112 13.94 -20.05 -6.24
C VAL A 112 12.69 -19.29 -6.66
N PRO A 113 12.59 -18.73 -7.87
CA PRO A 113 11.35 -18.01 -8.22
C PRO A 113 10.13 -18.90 -8.22
N ALA A 114 10.28 -20.17 -8.62
CA ALA A 114 9.15 -21.09 -8.59
C ALA A 114 8.71 -21.39 -7.16
N LEU A 115 9.66 -21.48 -6.23
CA LEU A 115 9.31 -21.69 -4.83
C LEU A 115 8.48 -20.54 -4.30
N ILE A 116 8.96 -19.30 -4.50
CA ILE A 116 8.41 -18.16 -3.78
C ILE A 116 7.21 -17.53 -4.50
N PHE A 117 6.94 -17.92 -5.74
CA PHE A 117 5.69 -17.53 -6.40
C PHE A 117 4.68 -18.66 -6.52
N GLY A 118 5.08 -19.91 -6.31
CA GLY A 118 4.23 -21.04 -6.57
C GLY A 118 3.91 -21.94 -5.38
N GLN A 119 4.49 -21.66 -4.22
CA GLN A 119 4.22 -22.44 -3.00
C GLN A 119 3.89 -21.51 -1.85
N LEU A 120 2.87 -21.87 -1.08
CA LEU A 120 2.43 -21.04 0.03
C LEU A 120 3.48 -20.99 1.14
N LEU A 121 3.48 -19.89 1.88
CA LEU A 121 4.29 -19.72 3.08
C LEU A 121 5.77 -19.73 2.75
N THR A 122 6.14 -18.92 1.77
CA THR A 122 7.51 -18.80 1.28
C THR A 122 7.87 -17.31 1.22
N SER A 123 9.04 -16.96 1.74
CA SER A 123 9.35 -15.56 1.95
C SER A 123 10.83 -15.38 2.22
N SER A 124 11.35 -14.20 1.87
CA SER A 124 12.63 -13.73 2.37
C SER A 124 12.48 -12.85 3.61
N ASN A 125 11.26 -12.74 4.15
CA ASN A 125 10.97 -11.84 5.26
C ASN A 125 10.64 -12.59 6.55
N TYR A 126 11.11 -13.82 6.71
CA TYR A 126 10.78 -14.61 7.87
C TYR A 126 11.81 -14.53 9.00
N ASP A 127 12.94 -13.85 8.79
CA ASP A 127 13.97 -13.72 9.83
C ASP A 127 13.92 -12.31 10.40
N ASP A 128 13.25 -12.16 11.54
CA ASP A 128 13.00 -10.83 12.11
C ASP A 128 14.19 -10.26 12.85
N ASP A 129 15.25 -11.03 13.05
CA ASP A 129 16.49 -10.45 13.58
C ASP A 129 17.04 -9.40 12.64
N GLU A 130 16.79 -9.55 11.34
CA GLU A 130 16.93 -8.42 10.45
C GLU A 130 15.75 -7.51 10.74
N LYS A 131 16.03 -6.24 10.97
CA LYS A 131 14.97 -5.28 11.29
C LYS A 131 14.60 -4.55 9.99
N LYS A 132 13.85 -5.24 9.16
CA LYS A 132 13.58 -4.74 7.81
C LYS A 132 12.40 -3.79 7.79
N VAL A 133 12.42 -2.88 6.82
CA VAL A 133 11.30 -1.97 6.60
C VAL A 133 10.62 -2.31 5.27
N THR A 134 10.64 -3.58 4.90
CA THR A 134 9.78 -4.07 3.82
C THR A 134 8.34 -4.15 4.31
N GLY A 135 7.41 -4.09 3.35
CA GLY A 135 6.02 -4.35 3.66
C GLY A 135 5.71 -5.83 3.77
N GLY A 136 6.46 -6.66 3.05
CA GLY A 136 6.22 -8.09 3.10
C GLY A 136 6.60 -8.68 4.45
N ARG A 137 5.72 -9.55 4.96
CA ARG A 137 5.91 -10.20 6.26
C ARG A 137 5.52 -11.67 6.27
N ASN A 138 4.53 -12.10 5.49
CA ASN A 138 3.86 -13.36 5.76
C ASN A 138 4.12 -14.49 4.78
N GLY A 139 4.64 -14.22 3.59
CA GLY A 139 4.87 -15.27 2.62
C GLY A 139 3.65 -15.73 1.86
N TYR A 140 2.64 -14.87 1.72
CA TYR A 140 1.40 -15.17 1.02
C TYR A 140 1.17 -14.35 -0.24
N GLY A 141 1.48 -13.05 -0.22
CA GLY A 141 0.88 -12.12 -1.16
C GLY A 141 0.96 -12.52 -2.62
N ALA A 142 2.15 -12.92 -3.08
CA ALA A 142 2.33 -13.26 -4.50
C ALA A 142 1.56 -14.52 -4.87
N LYS A 143 1.51 -15.49 -3.97
CA LYS A 143 0.74 -16.71 -4.23
C LYS A 143 -0.74 -16.40 -4.27
N LEU A 144 -1.20 -15.47 -3.43
CA LEU A 144 -2.61 -15.09 -3.49
C LEU A 144 -2.95 -14.48 -4.84
N CYS A 145 -2.10 -13.60 -5.37
CA CYS A 145 -2.38 -13.07 -6.70
C CYS A 145 -2.43 -14.19 -7.73
N ASN A 146 -1.47 -15.12 -7.66
CA ASN A 146 -1.43 -16.26 -8.56
C ASN A 146 -2.73 -17.08 -8.48
N ILE A 147 -3.16 -17.42 -7.25
CA ILE A 147 -4.36 -18.21 -7.06
C ILE A 147 -5.59 -17.52 -7.63
N PHE A 148 -5.63 -16.19 -7.57
CA PHE A 148 -6.78 -15.44 -8.07
C PHE A 148 -6.57 -14.90 -9.49
N SER A 149 -5.66 -15.54 -10.24
CA SER A 149 -5.41 -15.19 -11.64
C SER A 149 -5.65 -16.41 -12.54
N THR A 150 -6.18 -16.16 -13.73
CA THR A 150 -6.26 -17.21 -14.72
C THR A 150 -4.93 -17.45 -15.42
N LYS A 151 -4.05 -16.45 -15.43
CA LYS A 151 -2.71 -16.56 -15.96
C LYS A 151 -1.81 -15.67 -15.13
N PHE A 152 -0.65 -16.18 -14.75
CA PHE A 152 0.26 -15.46 -13.85
C PHE A 152 1.67 -15.82 -14.29
N THR A 153 2.42 -14.82 -14.76
CA THR A 153 3.76 -15.04 -15.30
C THR A 153 4.78 -14.29 -14.46
N VAL A 154 5.86 -15.00 -14.11
CA VAL A 154 6.99 -14.43 -13.41
C VAL A 154 8.18 -14.43 -14.37
N GLU A 155 8.74 -13.25 -14.61
CA GLU A 155 9.98 -13.08 -15.35
CA GLU A 155 10.00 -13.11 -15.33
C GLU A 155 10.97 -12.34 -14.45
N THR A 156 12.16 -12.90 -14.28
CA THR A 156 13.18 -12.24 -13.47
C THR A 156 14.53 -12.56 -14.08
N ALA A 157 15.44 -11.60 -13.96
CA ALA A 157 16.77 -11.72 -14.55
C ALA A 157 17.78 -11.23 -13.52
N CYS A 158 18.78 -12.04 -13.24
CA CYS A 158 19.69 -11.80 -12.12
C CYS A 158 21.11 -12.04 -12.61
N LYS A 159 21.80 -10.95 -12.90
CA LYS A 159 23.17 -11.03 -13.43
C LYS A 159 24.08 -11.82 -12.51
N GLU A 160 23.93 -11.70 -11.21
CA GLU A 160 24.82 -12.39 -10.29
C GLU A 160 24.82 -13.90 -10.54
N TYR A 161 23.65 -14.46 -10.82
CA TYR A 161 23.50 -15.88 -11.12
C TYR A 161 23.49 -16.18 -12.61
N LYS A 162 23.68 -15.16 -13.44
CA LYS A 162 23.95 -15.30 -14.88
C LYS A 162 22.79 -15.94 -15.65
N HIS A 163 21.57 -15.83 -15.14
CA HIS A 163 20.44 -16.43 -15.83
C HIS A 163 19.18 -15.58 -15.65
N SER A 164 18.28 -15.72 -16.61
CA SER A 164 16.92 -15.22 -16.51
C SER A 164 15.97 -16.41 -16.42
N PHE A 165 14.78 -16.13 -15.90
CA PHE A 165 13.77 -17.12 -15.57
C PHE A 165 12.44 -16.59 -16.05
N LYS A 166 11.65 -17.45 -16.71
CA LYS A 166 10.27 -17.10 -17.05
C LYS A 166 9.41 -18.34 -16.84
N GLN A 167 8.39 -18.21 -16.02
CA GLN A 167 7.45 -19.30 -15.79
C GLN A 167 6.04 -18.75 -15.71
N THR A 168 5.10 -19.49 -16.29
CA THR A 168 3.70 -19.10 -16.31
C THR A 168 2.87 -20.15 -15.59
N TRP A 169 2.02 -19.69 -14.68
CA TRP A 169 1.00 -20.50 -14.05
C TRP A 169 -0.34 -20.14 -14.65
N MET A 170 -1.27 -21.09 -14.63
CA MET A 170 -2.61 -20.84 -15.14
C MET A 170 -3.63 -21.49 -14.23
N ASN A 171 -4.88 -21.04 -14.38
CA ASN A 171 -6.01 -21.67 -13.72
C ASN A 171 -5.84 -21.68 -12.20
N ASN A 172 -5.65 -20.48 -11.65
CA ASN A 172 -5.65 -20.31 -10.20
C ASN A 172 -4.53 -21.10 -9.55
N MET A 173 -3.36 -21.05 -10.17
CA MET A 173 -2.12 -21.66 -9.70
C MET A 173 -2.14 -23.19 -9.78
N MET A 174 -3.10 -23.77 -10.48
CA MET A 174 -3.23 -25.22 -10.51
CA MET A 174 -3.26 -25.22 -10.52
C MET A 174 -2.54 -25.86 -11.71
N LYS A 175 -2.07 -25.07 -12.67
CA LYS A 175 -1.39 -25.58 -13.84
C LYS A 175 -0.16 -24.74 -14.11
N THR A 176 0.94 -25.39 -14.45
CA THR A 176 2.14 -24.69 -14.87
C THR A 176 2.94 -25.61 -15.78
N SER A 177 4.09 -25.12 -16.22
CA SER A 177 4.96 -25.90 -17.10
C SER A 177 6.39 -25.45 -16.84
N GLU A 178 7.31 -26.16 -17.49
CA GLU A 178 8.73 -25.95 -17.24
C GLU A 178 9.12 -24.51 -17.52
N ALA A 179 9.88 -23.93 -16.60
CA ALA A 179 10.36 -22.57 -16.75
C ALA A 179 11.38 -22.49 -17.89
N LYS A 180 11.42 -21.32 -18.53
CA LYS A 180 12.43 -21.02 -19.53
C LYS A 180 13.60 -20.35 -18.83
N ILE A 181 14.77 -20.99 -18.90
CA ILE A 181 16.00 -20.50 -18.30
C ILE A 181 16.95 -20.13 -19.42
N LYS A 182 17.51 -18.92 -19.35
CA LYS A 182 18.43 -18.44 -20.38
C LYS A 182 19.62 -17.76 -19.74
N HIS A 183 20.73 -17.72 -20.49
CA HIS A 183 21.86 -16.90 -20.08
C HIS A 183 21.45 -15.45 -19.98
N PHE A 184 21.95 -14.75 -18.97
CA PHE A 184 21.66 -13.34 -18.78
C PHE A 184 22.86 -12.65 -18.17
N ASP A 185 23.21 -11.48 -18.73
CA ASP A 185 24.31 -10.68 -18.21
CA ASP A 185 24.31 -10.68 -18.20
C ASP A 185 24.02 -9.19 -18.33
N GLY A 186 22.75 -8.81 -18.33
CA GLY A 186 22.34 -7.43 -18.49
C GLY A 186 21.91 -6.78 -17.20
N GLU A 187 21.05 -5.77 -17.32
CA GLU A 187 20.53 -5.06 -16.16
C GLU A 187 19.35 -5.80 -15.57
N ASP A 188 19.43 -6.10 -14.27
CA ASP A 188 18.44 -6.93 -13.60
C ASP A 188 17.07 -6.29 -13.64
N TYR A 189 16.04 -7.14 -13.58
CA TYR A 189 14.66 -6.69 -13.45
C TYR A 189 13.82 -7.87 -12.99
N THR A 190 12.61 -7.56 -12.55
CA THR A 190 11.55 -8.54 -12.34
C THR A 190 10.28 -7.96 -12.93
N CYS A 191 9.50 -8.80 -13.61
CA CYS A 191 8.22 -8.38 -14.18
C CYS A 191 7.19 -9.46 -13.89
N ILE A 192 6.11 -9.06 -13.24
CA ILE A 192 4.99 -9.93 -12.92
C ILE A 192 3.84 -9.50 -13.80
N THR A 193 3.33 -10.43 -14.62
CA THR A 193 2.25 -10.13 -15.56
C THR A 193 1.12 -11.10 -15.27
N PHE A 194 -0.08 -10.58 -15.00
CA PHE A 194 -1.17 -11.45 -14.62
C PHE A 194 -2.49 -11.00 -15.22
N GLN A 195 -3.37 -11.97 -15.41
CA GLN A 195 -4.74 -11.76 -15.84
C GLN A 195 -5.62 -12.15 -14.68
N PRO A 196 -6.20 -11.20 -13.95
CA PRO A 196 -7.01 -11.57 -12.78
C PRO A 196 -8.21 -12.40 -13.20
N ASP A 197 -8.55 -13.38 -12.35
CA ASP A 197 -9.70 -14.25 -12.62
C ASP A 197 -10.96 -13.50 -12.22
N LEU A 198 -11.51 -12.76 -13.17
CA LEU A 198 -12.63 -11.88 -12.83
C LEU A 198 -13.85 -12.66 -12.37
N SER A 199 -13.98 -13.92 -12.76
CA SER A 199 -15.11 -14.72 -12.31
C SER A 199 -15.09 -14.92 -10.79
N LYS A 200 -13.89 -14.93 -10.19
CA LYS A 200 -13.79 -15.04 -8.73
C LYS A 200 -14.36 -13.81 -8.04
N PHE A 201 -14.47 -12.70 -8.76
CA PHE A 201 -14.94 -11.42 -8.23
C PHE A 201 -16.26 -11.02 -8.87
N LYS A 202 -16.89 -11.91 -9.61
CA LYS A 202 -18.18 -11.66 -10.27
C LYS A 202 -18.13 -10.40 -11.14
N MET A 203 -17.05 -10.28 -11.91
CA MET A 203 -16.84 -9.14 -12.78
C MET A 203 -16.68 -9.58 -14.22
N GLU A 204 -17.07 -8.70 -15.14
CA GLU A 204 -16.92 -8.95 -16.56
C GLU A 204 -15.64 -8.34 -17.14
N LYS A 205 -15.14 -7.26 -16.54
CA LYS A 205 -14.00 -6.55 -17.07
C LYS A 205 -13.45 -5.65 -15.96
N LEU A 206 -12.20 -5.23 -16.14
CA LEU A 206 -11.64 -4.17 -15.31
C LEU A 206 -12.28 -2.85 -15.70
N ASP A 207 -13.27 -2.42 -14.93
CA ASP A 207 -14.05 -1.22 -15.24
C ASP A 207 -13.33 0.03 -14.75
N LYS A 208 -13.96 1.19 -14.97
CA LYS A 208 -13.28 2.45 -14.69
C LYS A 208 -12.96 2.60 -13.21
N ASP A 209 -13.85 2.13 -12.34
CA ASP A 209 -13.64 2.32 -10.91
C ASP A 209 -12.42 1.56 -10.42
N ILE A 210 -12.31 0.27 -10.78
CA ILE A 210 -11.15 -0.48 -10.29
C ILE A 210 -9.87 0.07 -10.91
N VAL A 211 -9.92 0.47 -12.18
CA VAL A 211 -8.73 1.04 -12.79
C VAL A 211 -8.33 2.34 -12.09
N ALA A 212 -9.31 3.16 -11.71
CA ALA A 212 -9.00 4.41 -11.03
C ALA A 212 -8.41 4.17 -9.65
N LEU A 213 -8.83 3.10 -8.97
CA LEU A 213 -8.23 2.74 -7.70
CA LEU A 213 -8.24 2.76 -7.69
C LEU A 213 -6.81 2.24 -7.87
N MET A 214 -6.60 1.36 -8.86
CA MET A 214 -5.26 0.83 -9.10
C MET A 214 -4.32 1.95 -9.55
N THR A 215 -4.83 2.87 -10.37
CA THR A 215 -4.01 4.00 -10.79
C THR A 215 -3.63 4.86 -9.59
N ARG A 216 -4.57 5.15 -8.70
CA ARG A 216 -4.22 5.96 -7.54
C ARG A 216 -3.15 5.28 -6.72
N ARG A 217 -3.22 3.96 -6.62
CA ARG A 217 -2.20 3.23 -5.87
C ARG A 217 -0.81 3.43 -6.46
N ALA A 218 -0.72 3.55 -7.79
CA ALA A 218 0.56 3.86 -8.40
C ALA A 218 1.04 5.26 -8.01
N TYR A 219 0.11 6.23 -7.92
CA TYR A 219 0.47 7.55 -7.41
C TYR A 219 0.92 7.47 -5.96
N ASP A 220 0.22 6.66 -5.12
CA ASP A 220 0.64 6.49 -3.74
C ASP A 220 2.10 6.06 -3.69
N LEU A 221 2.44 5.09 -4.54
CA LEU A 221 3.79 4.53 -4.56
C LEU A 221 4.81 5.59 -4.96
N ALA A 222 4.48 6.40 -5.97
CA ALA A 222 5.36 7.50 -6.34
C ALA A 222 5.57 8.44 -5.16
N GLY A 223 4.55 8.61 -4.31
CA GLY A 223 4.69 9.47 -3.16
C GLY A 223 5.39 8.85 -1.97
N SER A 224 5.28 7.53 -1.79
CA SER A 224 5.73 6.89 -0.57
C SER A 224 7.10 6.23 -0.68
N CYS A 225 7.51 5.79 -1.87
CA CYS A 225 8.70 4.97 -2.03
C CYS A 225 9.85 5.89 -2.43
N ARG A 226 10.67 6.27 -1.44
CA ARG A 226 11.73 7.24 -1.68
C ARG A 226 12.70 6.73 -2.73
N GLY A 227 13.03 7.61 -3.69
CA GLY A 227 14.06 7.30 -4.65
C GLY A 227 13.63 6.39 -5.79
N VAL A 228 12.34 6.12 -5.92
CA VAL A 228 11.82 5.27 -6.98
C VAL A 228 10.82 6.07 -7.79
N LYS A 229 11.07 6.16 -9.09
CA LYS A 229 10.13 6.77 -10.02
C LYS A 229 9.13 5.72 -10.47
N VAL A 230 7.91 6.16 -10.74
CA VAL A 230 6.83 5.26 -11.11
C VAL A 230 6.30 5.68 -12.47
N MET A 231 6.11 4.71 -13.34
CA MET A 231 5.49 4.90 -14.64
CA MET A 231 5.49 4.90 -14.64
CA MET A 231 5.47 4.92 -14.62
C MET A 231 4.16 4.17 -14.65
N PHE A 232 3.15 4.78 -15.28
CA PHE A 232 1.86 4.15 -15.44
C PHE A 232 1.49 4.21 -16.92
N ASN A 233 1.23 3.04 -17.50
CA ASN A 233 0.90 2.93 -18.93
C ASN A 233 1.86 3.73 -19.80
N GLY A 234 3.14 3.64 -19.46
CA GLY A 234 4.20 4.17 -20.30
C GLY A 234 4.58 5.60 -20.05
N LYS A 235 3.99 6.25 -19.04
CA LYS A 235 4.26 7.65 -18.75
C LYS A 235 4.64 7.83 -17.29
N LYS A 236 5.72 8.58 -17.05
CA LYS A 236 6.15 8.85 -15.69
C LYS A 236 5.08 9.64 -14.95
N LEU A 237 4.85 9.25 -13.70
CA LEU A 237 3.92 10.00 -12.85
C LEU A 237 4.64 11.22 -12.30
N PRO A 238 4.06 12.42 -12.41
CA PRO A 238 4.75 13.66 -11.99
C PRO A 238 4.64 13.89 -10.49
N VAL A 239 5.08 12.91 -9.72
CA VAL A 239 5.13 12.98 -8.27
C VAL A 239 6.55 12.59 -7.90
N ASN A 240 7.25 13.47 -7.20
CA ASN A 240 8.67 13.28 -6.93
C ASN A 240 8.98 13.26 -5.43
N GLY A 241 8.02 12.88 -4.62
CA GLY A 241 8.18 12.87 -3.18
C GLY A 241 6.84 12.99 -2.50
N PHE A 242 6.88 12.86 -1.17
CA PHE A 242 5.63 12.78 -0.42
C PHE A 242 4.88 14.11 -0.43
N ARG A 243 5.59 15.24 -0.35
CA ARG A 243 4.89 16.52 -0.32
CA ARG A 243 4.90 16.53 -0.33
C ARG A 243 4.14 16.77 -1.63
N SER A 244 4.75 16.42 -2.76
CA SER A 244 4.05 16.60 -4.03
C SER A 244 2.86 15.67 -4.15
N TYR A 245 2.94 14.49 -3.53
CA TYR A 245 1.80 13.59 -3.47
C TYR A 245 0.67 14.19 -2.64
N VAL A 246 1.00 14.71 -1.45
CA VAL A 246 -0.01 15.34 -0.61
C VAL A 246 -0.69 16.48 -1.33
N ASP A 247 0.07 17.23 -2.13
CA ASP A 247 -0.50 18.33 -2.90
C ASP A 247 -1.67 17.91 -3.76
N LEU A 248 -1.68 16.66 -4.24
CA LEU A 248 -2.78 16.19 -5.07
C LEU A 248 -4.12 16.26 -4.33
N TYR A 249 -4.09 16.20 -3.01
CA TYR A 249 -5.30 16.24 -2.21
C TYR A 249 -5.68 17.66 -1.76
N VAL A 250 -4.69 18.49 -1.45
CA VAL A 250 -5.00 19.71 -0.69
C VAL A 250 -4.50 21.01 -1.29
N LYS A 251 -3.66 20.95 -2.32
CA LYS A 251 -3.04 22.19 -2.79
C LYS A 251 -4.05 23.14 -3.41
N ASP A 252 -5.11 22.62 -4.02
CA ASP A 252 -6.09 23.46 -4.71
C ASP A 252 -7.41 23.59 -3.94
N LYS A 253 -7.39 23.35 -2.63
CA LYS A 253 -8.59 23.27 -1.83
C LYS A 253 -8.77 24.47 -0.90
N LEU A 254 -10.03 24.84 -0.68
CA LEU A 254 -10.39 25.88 0.26
C LEU A 254 -11.15 25.26 1.43
N ASP A 255 -11.12 25.96 2.56
CA ASP A 255 -12.01 25.59 3.66
C ASP A 255 -13.40 26.17 3.39
N GLU A 256 -14.33 25.90 4.31
CA GLU A 256 -15.72 26.30 4.08
C GLU A 256 -15.92 27.80 4.10
N THR A 257 -14.97 28.55 4.66
CA THR A 257 -15.03 30.00 4.66
C THR A 257 -14.38 30.61 3.42
N GLY A 258 -13.91 29.78 2.49
CA GLY A 258 -13.30 30.27 1.28
C GLY A 258 -11.83 30.60 1.38
N VAL A 259 -11.15 30.14 2.44
CA VAL A 259 -9.73 30.39 2.63
C VAL A 259 -8.96 29.12 2.31
N ALA A 260 -7.85 29.27 1.57
CA ALA A 260 -7.07 28.11 1.17
C ALA A 260 -6.64 27.33 2.40
N LEU A 261 -6.65 26.00 2.27
CA LEU A 261 -6.13 25.15 3.34
C LEU A 261 -4.66 25.48 3.56
N LYS A 262 -4.28 25.67 4.83
CA LYS A 262 -2.89 25.83 5.19
C LYS A 262 -2.33 24.45 5.51
N VAL A 263 -1.34 24.02 4.73
CA VAL A 263 -0.78 22.68 4.83
C VAL A 263 0.60 22.82 5.44
N ILE A 264 0.82 22.12 6.54
CA ILE A 264 2.11 22.17 7.24
C ILE A 264 2.82 20.84 7.01
N HIS A 265 4.14 20.89 7.11
CA HIS A 265 4.95 19.73 6.76
C HIS A 265 6.19 19.68 7.62
N GLU A 266 6.57 18.47 8.04
CA GLU A 266 7.88 18.25 8.63
C GLU A 266 8.35 16.84 8.27
N LEU A 267 9.57 16.76 7.75
CA LEU A 267 10.29 15.50 7.64
C LEU A 267 11.06 15.39 8.95
N ALA A 268 10.48 14.67 9.92
CA ALA A 268 11.10 14.59 11.23
C ALA A 268 12.46 13.89 11.15
N ASN A 269 12.55 12.85 10.33
CA ASN A 269 13.80 12.16 10.02
C ASN A 269 13.52 11.32 8.78
N GLU A 270 14.51 10.54 8.36
CA GLU A 270 14.37 9.79 7.12
C GLU A 270 13.15 8.89 7.13
N ARG A 271 12.73 8.43 8.32
CA ARG A 271 11.69 7.42 8.42
C ARG A 271 10.30 7.99 8.70
N TRP A 272 10.16 9.32 8.84
CA TRP A 272 8.89 9.93 9.26
C TRP A 272 8.67 11.24 8.53
N ASP A 273 7.70 11.25 7.63
CA ASP A 273 7.33 12.43 6.85
C ASP A 273 5.86 12.70 7.13
N VAL A 274 5.55 13.91 7.61
CA VAL A 274 4.22 14.25 8.09
C VAL A 274 3.74 15.56 7.47
N CYS A 275 2.51 15.55 6.94
CA CYS A 275 1.81 16.77 6.58
C CYS A 275 0.50 16.82 7.35
N LEU A 276 -0.02 18.02 7.55
CA LEU A 276 -1.23 18.20 8.34
CA LEU A 276 -1.23 18.19 8.33
C LEU A 276 -1.98 19.43 7.84
N THR A 277 -3.30 19.34 7.84
CA THR A 277 -4.14 20.49 7.56
C THR A 277 -5.48 20.33 8.28
N LEU A 278 -6.37 21.29 8.06
CA LEU A 278 -7.69 21.29 8.65
C LEU A 278 -8.61 20.34 7.91
N SER A 279 -9.40 19.56 8.66
CA SER A 279 -10.51 18.81 8.10
C SER A 279 -11.82 19.43 8.55
N GLU A 280 -12.80 19.44 7.65
CA GLU A 280 -14.16 19.89 7.95
C GLU A 280 -15.16 18.77 7.75
N LYS A 281 -14.70 17.53 7.68
CA LYS A 281 -15.58 16.37 7.54
C LYS A 281 -15.16 15.26 8.48
N GLY A 282 -14.68 15.62 9.68
CA GLY A 282 -14.25 14.67 10.68
C GLY A 282 -12.82 14.26 10.47
N PHE A 283 -12.31 13.46 11.40
CA PHE A 283 -10.92 13.04 11.30
C PHE A 283 -10.66 12.35 9.98
N GLN A 284 -9.55 12.72 9.33
CA GLN A 284 -9.10 12.07 8.11
C GLN A 284 -7.62 11.75 8.22
N GLN A 285 -7.22 10.60 7.71
CA GLN A 285 -5.82 10.22 7.66
C GLN A 285 -5.54 9.50 6.36
N ILE A 286 -4.40 9.84 5.76
CA ILE A 286 -3.84 9.13 4.63
C ILE A 286 -2.43 8.75 5.03
N SER A 287 -2.16 7.46 5.12
CA SER A 287 -0.90 7.00 5.71
C SER A 287 -0.36 5.78 4.99
N PHE A 288 0.96 5.64 5.07
CA PHE A 288 1.71 4.54 4.47
C PHE A 288 2.71 4.05 5.47
N VAL A 289 2.80 2.72 5.61
CA VAL A 289 3.84 2.04 6.37
C VAL A 289 4.59 1.17 5.38
N ASN A 290 5.86 1.49 5.13
CA ASN A 290 6.66 0.66 4.24
C ASN A 290 5.94 0.51 2.89
N SER A 291 5.36 1.61 2.42
CA SER A 291 4.63 1.73 1.16
C SER A 291 3.33 0.94 1.11
N ILE A 292 2.89 0.35 2.21
CA ILE A 292 1.55 -0.22 2.34
C ILE A 292 0.59 0.92 2.67
N ALA A 293 -0.55 0.97 1.99
CA ALA A 293 -1.60 1.95 2.29
C ALA A 293 -2.39 1.46 3.50
N THR A 294 -2.13 2.05 4.67
CA THR A 294 -2.80 1.66 5.90
C THR A 294 -4.11 2.44 6.02
N THR A 295 -5.10 2.02 5.23
CA THR A 295 -6.33 2.77 5.07
C THR A 295 -7.24 2.71 6.29
N LYS A 296 -6.97 1.80 7.23
CA LYS A 296 -7.65 1.82 8.52
C LYS A 296 -6.74 2.32 9.64
N GLY A 297 -5.61 2.90 9.28
CA GLY A 297 -4.76 3.57 10.25
C GLY A 297 -3.89 2.64 11.05
N GLY A 298 -3.74 2.91 12.34
CA GLY A 298 -2.96 2.09 13.23
C GLY A 298 -2.18 2.93 14.20
N ARG A 299 -1.25 2.27 14.91
CA ARG A 299 -0.56 2.95 16.00
C ARG A 299 0.38 4.04 15.52
N HIS A 300 0.84 3.96 14.26
CA HIS A 300 1.66 5.04 13.70
C HIS A 300 0.84 6.31 13.54
N VAL A 301 -0.42 6.20 13.12
CA VAL A 301 -1.28 7.37 13.01
C VAL A 301 -1.56 7.93 14.40
N ASP A 302 -1.93 7.06 15.35
CA ASP A 302 -2.21 7.53 16.70
C ASP A 302 -0.99 8.21 17.31
N TYR A 303 0.19 7.66 17.05
CA TYR A 303 1.43 8.21 17.60
C TYR A 303 1.64 9.65 17.16
N VAL A 304 1.43 9.92 15.88
CA VAL A 304 1.60 11.28 15.36
C VAL A 304 0.46 12.17 15.83
N VAL A 305 -0.78 11.70 15.67
CA VAL A 305 -1.94 12.53 15.96
C VAL A 305 -1.99 12.91 17.44
N ASP A 306 -1.65 11.98 18.33
CA ASP A 306 -1.72 12.27 19.76
C ASP A 306 -0.78 13.41 20.14
N GLN A 307 0.39 13.48 19.50
CA GLN A 307 1.30 14.60 19.79
C GLN A 307 0.65 15.92 19.41
N VAL A 308 0.09 15.98 18.20
CA VAL A 308 -0.53 17.20 17.72
C VAL A 308 -1.70 17.59 18.60
N VAL A 309 -2.55 16.61 18.93
CA VAL A 309 -3.72 16.89 19.76
C VAL A 309 -3.29 17.46 21.11
N GLY A 310 -2.30 16.84 21.73
CA GLY A 310 -1.84 17.32 23.03
C GLY A 310 -1.38 18.75 22.98
N LYS A 311 -0.61 19.12 21.95
CA LYS A 311 -0.09 20.47 21.86
C LYS A 311 -1.20 21.47 21.53
N LEU A 312 -2.14 21.08 20.66
CA LEU A 312 -3.22 21.99 20.32
C LEU A 312 -4.16 22.21 21.49
N ILE A 313 -4.40 21.20 22.32
CA ILE A 313 -5.17 21.41 23.53
C ILE A 313 -4.49 22.46 24.42
N GLU A 314 -3.16 22.39 24.52
CA GLU A 314 -2.42 23.41 25.25
C GLU A 314 -2.73 24.80 24.71
N VAL A 315 -2.62 24.98 23.40
CA VAL A 315 -2.85 26.29 22.80
C VAL A 315 -4.25 26.78 23.08
N VAL A 316 -5.25 25.91 22.86
CA VAL A 316 -6.64 26.30 23.13
C VAL A 316 -6.80 26.74 24.57
N LYS A 317 -6.28 25.94 25.51
CA LYS A 317 -6.44 26.24 26.93
C LYS A 317 -5.94 27.64 27.25
N LYS A 318 -4.84 28.04 26.63
CA LYS A 318 -4.29 29.37 26.84
C LYS A 318 -5.20 30.47 26.30
N LYS A 319 -6.31 30.13 25.65
CA LYS A 319 -7.34 31.09 25.26
C LYS A 319 -8.75 30.60 25.58
N ASN A 320 -8.89 29.60 26.45
CA ASN A 320 -10.20 29.08 26.80
C ASN A 320 -10.82 29.87 27.95
N LYS A 321 -10.42 29.58 29.18
CA LYS A 321 -10.94 30.29 30.35
C LYS A 321 -12.46 30.26 30.39
N VAL A 324 -16.05 25.21 27.62
CA VAL A 324 -15.18 25.03 28.78
C VAL A 324 -14.17 23.92 28.51
N SER A 325 -14.62 22.67 28.63
CA SER A 325 -13.73 21.53 28.42
C SER A 325 -13.65 21.19 26.94
N VAL A 326 -12.42 21.08 26.43
CA VAL A 326 -12.15 20.70 25.05
C VAL A 326 -11.54 19.31 25.06
N LYS A 327 -12.25 18.34 24.49
CA LYS A 327 -11.86 16.94 24.60
C LYS A 327 -11.03 16.51 23.39
N PRO A 328 -10.10 15.57 23.56
CA PRO A 328 -9.23 15.18 22.43
C PRO A 328 -9.99 14.77 21.18
N PHE A 329 -11.11 14.05 21.30
CA PHE A 329 -11.83 13.63 20.10
C PHE A 329 -12.33 14.83 19.31
N GLN A 330 -12.63 15.93 19.99
CA GLN A 330 -13.08 17.14 19.30
C GLN A 330 -11.95 17.78 18.50
N VAL A 331 -10.73 17.73 19.02
CA VAL A 331 -9.58 18.25 18.28
C VAL A 331 -9.27 17.34 17.09
N LYS A 332 -9.24 16.04 17.33
CA LYS A 332 -8.96 15.09 16.26
C LYS A 332 -9.98 15.21 15.15
N ASN A 333 -11.22 15.59 15.49
CA ASN A 333 -12.29 15.77 14.51
C ASN A 333 -11.95 16.82 13.46
N HIS A 334 -11.00 17.71 13.74
CA HIS A 334 -10.62 18.77 12.81
C HIS A 334 -9.29 18.51 12.11
N ILE A 335 -8.73 17.31 12.22
CA ILE A 335 -7.39 17.03 11.71
C ILE A 335 -7.50 16.21 10.43
N TRP A 336 -6.77 16.63 9.39
CA TRP A 336 -6.46 15.81 8.23
C TRP A 336 -4.95 15.61 8.23
N VAL A 337 -4.52 14.37 8.47
CA VAL A 337 -3.09 14.08 8.61
C VAL A 337 -2.64 13.14 7.49
N PHE A 338 -1.40 13.35 7.05
CA PHE A 338 -0.75 12.57 6.01
C PHE A 338 0.58 12.08 6.57
N ILE A 339 0.82 10.77 6.53
CA ILE A 339 2.01 10.19 7.13
C ILE A 339 2.65 9.20 6.16
N ASN A 340 3.96 9.33 5.96
CA ASN A 340 4.73 8.32 5.25
C ASN A 340 5.84 7.88 6.19
N CYS A 341 5.83 6.61 6.57
CA CYS A 341 6.78 6.17 7.58
C CYS A 341 7.35 4.79 7.23
N LEU A 342 8.50 4.51 7.85
CA LEU A 342 9.22 3.25 7.72
C LEU A 342 9.31 2.64 9.11
N ILE A 343 8.72 1.46 9.26
CA ILE A 343 8.58 0.77 10.54
CA ILE A 343 8.58 0.78 10.54
C ILE A 343 9.29 -0.57 10.43
N GLU A 344 10.09 -0.90 11.44
CA GLU A 344 10.76 -2.20 11.47
C GLU A 344 9.77 -3.30 11.84
N ASN A 345 9.72 -4.36 11.04
CA ASN A 345 8.93 -5.54 11.35
C ASN A 345 7.51 -5.21 11.80
N PRO A 346 6.75 -4.48 11.00
CA PRO A 346 5.39 -4.11 11.40
C PRO A 346 4.48 -5.32 11.55
N THR A 347 3.45 -5.17 12.39
CA THR A 347 2.40 -6.17 12.57
C THR A 347 1.06 -5.59 12.15
N PHE A 348 0.15 -6.48 11.77
CA PHE A 348 -1.20 -6.18 11.35
C PHE A 348 -2.08 -7.36 11.75
N ASP A 349 -3.37 -7.12 11.95
CA ASP A 349 -4.29 -8.21 12.29
CA ASP A 349 -4.27 -8.21 12.30
C ASP A 349 -4.80 -8.95 11.07
N SER A 350 -4.44 -8.53 9.87
CA SER A 350 -4.93 -9.18 8.66
CA SER A 350 -4.94 -9.17 8.66
C SER A 350 -3.85 -9.16 7.59
N GLN A 351 -3.89 -10.16 6.72
CA GLN A 351 -3.04 -10.16 5.54
C GLN A 351 -3.25 -8.89 4.71
N THR A 352 -4.44 -8.29 4.77
CA THR A 352 -4.70 -7.09 3.98
C THR A 352 -3.92 -5.88 4.47
N LYS A 353 -3.45 -5.89 5.72
CA LYS A 353 -2.52 -4.87 6.23
CA LYS A 353 -2.52 -4.87 6.25
C LYS A 353 -3.11 -3.46 6.23
N GLU A 354 -4.40 -3.34 6.47
CA GLU A 354 -5.01 -2.01 6.49
CA GLU A 354 -5.04 -2.03 6.51
C GLU A 354 -4.84 -1.30 7.83
N ASN A 355 -4.56 -2.04 8.91
CA ASN A 355 -4.42 -1.45 10.24
CA ASN A 355 -4.40 -1.45 10.24
C ASN A 355 -3.14 -2.00 10.86
N MET A 356 -2.19 -1.12 11.15
CA MET A 356 -0.87 -1.50 11.64
C MET A 356 -0.87 -1.42 13.16
N THR A 357 -0.63 -2.56 13.81
CA THR A 357 -0.90 -2.73 15.23
C THR A 357 0.36 -2.67 16.11
N LEU A 358 1.53 -2.50 15.53
CA LEU A 358 2.76 -2.52 16.31
C LEU A 358 2.82 -1.30 17.23
N GLN A 359 3.22 -1.51 18.47
CA GLN A 359 3.28 -0.39 19.40
C GLN A 359 4.49 0.51 19.11
N PRO A 360 4.37 1.81 19.37
CA PRO A 360 5.47 2.74 19.03
C PRO A 360 6.81 2.37 19.63
N LYS A 361 6.86 1.79 20.83
CA LYS A 361 8.15 1.46 21.41
C LYS A 361 8.93 0.48 20.53
N SER A 362 8.25 -0.26 19.64
CA SER A 362 8.88 -1.25 18.79
C SER A 362 9.17 -0.74 17.37
N PHE A 363 8.89 0.52 17.06
CA PHE A 363 8.99 0.98 15.68
C PHE A 363 10.43 0.95 15.16
N GLY A 364 11.41 1.10 16.03
CA GLY A 364 12.80 1.23 15.60
C GLY A 364 13.24 2.66 15.37
N SER A 365 12.35 3.62 15.53
CA SER A 365 12.66 5.03 15.39
C SER A 365 11.55 5.80 16.08
N LYS A 366 11.75 7.10 16.24
CA LYS A 366 10.78 7.99 16.83
C LYS A 366 10.42 9.08 15.84
N CYS A 367 9.28 9.71 16.08
CA CYS A 367 8.84 10.90 15.35
C CYS A 367 8.51 11.94 16.39
N GLN A 368 9.49 12.75 16.77
CA GLN A 368 9.28 13.82 17.73
CA GLN A 368 9.29 13.82 17.74
C GLN A 368 9.17 15.12 16.95
N LEU A 369 7.93 15.51 16.67
CA LEU A 369 7.68 16.72 15.91
C LEU A 369 8.20 17.95 16.64
N SER A 370 8.70 18.91 15.88
CA SER A 370 9.38 20.07 16.42
C SER A 370 8.37 21.10 16.92
N GLU A 371 8.86 21.98 17.81
CA GLU A 371 8.02 23.08 18.28
C GLU A 371 7.62 23.99 17.12
N LYS A 372 8.48 24.13 16.12
CA LYS A 372 8.09 24.88 14.92
C LYS A 372 6.87 24.25 14.26
N PHE A 373 6.86 22.92 14.14
CA PHE A 373 5.72 22.24 13.54
C PHE A 373 4.46 22.46 14.35
N PHE A 374 4.55 22.33 15.69
CA PHE A 374 3.36 22.52 16.51
C PHE A 374 2.85 23.96 16.42
N LYS A 375 3.75 24.93 16.37
CA LYS A 375 3.32 26.31 16.18
C LYS A 375 2.59 26.47 14.85
N ALA A 376 3.13 25.88 13.78
CA ALA A 376 2.45 25.93 12.50
C ALA A 376 1.08 25.24 12.57
N ALA A 377 1.01 24.12 13.28
CA ALA A 377 -0.26 23.44 13.44
C ALA A 377 -1.27 24.32 14.15
N SER A 378 -0.82 25.15 15.09
CA SER A 378 -1.74 26.04 15.80
C SER A 378 -2.26 27.16 14.91
N ASN A 379 -1.72 27.32 13.70
CA ASN A 379 -2.11 28.38 12.78
C ASN A 379 -2.85 27.88 11.56
N CYS A 380 -3.23 26.60 11.49
N CYS A 380 -3.24 26.59 11.52
CA CYS A 380 -3.85 26.05 10.30
CA CYS A 380 -3.87 26.01 10.35
C CYS A 380 -5.37 25.93 10.40
C CYS A 380 -5.36 26.22 10.29
N GLY A 381 -5.99 26.59 11.40
CA GLY A 381 -7.43 26.71 11.47
C GLY A 381 -8.09 25.76 12.43
N ILE A 382 -7.35 24.80 12.95
CA ILE A 382 -7.91 23.85 13.91
C ILE A 382 -8.24 24.56 15.23
N VAL A 383 -7.28 25.30 15.77
CA VAL A 383 -7.52 26.02 17.02
C VAL A 383 -8.69 26.97 16.87
N GLU A 384 -8.74 27.70 15.75
CA GLU A 384 -9.81 28.65 15.53
C GLU A 384 -11.16 27.95 15.50
N SER A 385 -11.24 26.80 14.83
CA SER A 385 -12.48 26.03 14.81
C SER A 385 -12.89 25.62 16.21
N ILE A 386 -11.93 25.19 17.03
CA ILE A 386 -12.24 24.80 18.41
C ILE A 386 -12.68 26.02 19.22
N LEU A 387 -11.88 27.09 19.17
CA LEU A 387 -12.20 28.28 19.99
C LEU A 387 -13.56 28.85 19.62
N ASN A 388 -13.85 28.94 18.32
CA ASN A 388 -15.18 29.39 17.91
C ASN A 388 -16.26 28.50 18.51
N TRP A 389 -15.94 27.23 18.77
CA TRP A 389 -16.90 26.33 19.41
C TRP A 389 -16.93 26.48 20.92
N VAL A 390 -15.92 27.10 21.51
CA VAL A 390 -15.90 27.35 22.95
C VAL A 390 -16.76 28.58 23.25
N LYS A 391 -17.50 29.05 22.25
CA LYS A 391 -18.47 30.12 22.44
C LYS A 391 -19.89 29.58 22.35
#